data_3EHC
#
_entry.id   3EHC
#
_cell.length_a   52.100
_cell.length_b   114.060
_cell.length_c   137.990
_cell.angle_alpha   90.000
_cell.angle_beta   90.000
_cell.angle_gamma   90.000
#
_symmetry.space_group_name_H-M   'P 21 21 21'
#
loop_
_entity.id
_entity.type
_entity.pdbx_description
1 polymer 'SnoaL-like polyketide cyclase'
2 non-polymer 'SULFATE ION'
3 non-polymer GLYCEROL
4 water water
#
_entity_poly.entity_id   1
_entity_poly.type   'polypeptide(L)'
_entity_poly.pdbx_seq_one_letter_code
;G(MSE)QTLNDIYLAYLDSLNHQAFDELGTFVDDNVEHNGRPFGLSGYRD(MSE)LVKDFADIPDLRFEAEILVSDATRL
AARLFFDCTPKSIF(MSE)DLPVNGRRVQFCEHVFYDFEQAKIRRVWSVLDKVAIERQLG
;
_entity_poly.pdbx_strand_id   A,B,C,D
#
# COMPACT_ATOMS: atom_id res chain seq x y z
N GLN A 3 17.04 12.12 20.19
CA GLN A 3 15.69 12.66 20.51
C GLN A 3 14.65 12.54 19.36
N THR A 4 13.51 11.85 19.58
CA THR A 4 12.48 11.76 18.54
C THR A 4 11.65 13.04 18.46
N LEU A 5 11.01 13.27 17.31
CA LEU A 5 10.09 14.39 17.13
C LEU A 5 8.94 14.32 18.14
N ASN A 6 8.52 13.12 18.46
CA ASN A 6 7.50 12.90 19.45
C ASN A 6 7.89 13.45 20.84
N ASP A 7 9.13 13.18 21.27
CA ASP A 7 9.65 13.67 22.54
C ASP A 7 9.75 15.18 22.57
N ILE A 8 10.28 15.75 21.48
CA ILE A 8 10.41 17.21 21.32
C ILE A 8 9.03 17.87 21.38
N TYR A 9 8.07 17.28 20.69
CA TYR A 9 6.72 17.81 20.66
C TYR A 9 6.03 17.80 22.01
N LEU A 10 6.14 16.70 22.75
CA LEU A 10 5.54 16.64 24.09
C LEU A 10 6.23 17.62 25.06
N ALA A 11 7.54 17.84 24.87
CA ALA A 11 8.26 18.84 25.65
C ALA A 11 7.76 20.26 25.31
N TYR A 12 7.45 20.50 24.04
CA TYR A 12 6.90 21.76 23.57
C TYR A 12 5.52 22.03 24.17
N LEU A 13 4.64 21.03 24.14
CA LEU A 13 3.30 21.14 24.72
C LEU A 13 3.38 21.36 26.23
N ASP A 14 4.34 20.71 26.88
CA ASP A 14 4.55 20.94 28.29
C ASP A 14 4.92 22.38 28.59
N SER A 15 5.79 22.99 27.79
CA SER A 15 6.18 24.40 27.95
C SER A 15 5.01 25.34 27.73
N LEU A 16 4.17 25.02 26.75
CA LEU A 16 2.94 25.76 26.49
C LEU A 16 2.00 25.71 27.68
N ASN A 17 1.79 24.50 28.21
CA ASN A 17 0.92 24.32 29.38
C ASN A 17 1.36 25.12 30.61
N HIS A 18 2.65 25.38 30.73
CA HIS A 18 3.20 26.26 31.76
C HIS A 18 3.44 27.70 31.32
N GLN A 19 2.95 28.03 30.12
CA GLN A 19 3.06 29.35 29.52
C GLN A 19 4.50 29.87 29.55
N ALA A 20 5.47 28.98 29.32
CA ALA A 20 6.90 29.30 29.38
C ALA A 20 7.39 29.75 27.99
N PHE A 21 6.98 30.94 27.57
CA PHE A 21 7.22 31.42 26.22
C PHE A 21 8.57 32.09 26.03
N ASP A 22 9.33 32.31 27.10
CA ASP A 22 10.73 32.73 26.99
C ASP A 22 11.57 31.59 26.42
N GLU A 23 11.11 30.36 26.66
CA GLU A 23 11.77 29.16 26.16
C GLU A 23 11.32 28.74 24.72
N LEU A 24 10.39 29.48 24.12
CA LEU A 24 9.71 29.03 22.90
C LEU A 24 10.66 28.72 21.74
N GLY A 25 11.71 29.53 21.59
CA GLY A 25 12.75 29.29 20.58
C GLY A 25 13.51 27.98 20.64
N THR A 26 13.44 27.28 21.78
CA THR A 26 13.97 25.93 21.91
C THR A 26 13.27 25.00 20.94
N PHE A 27 11.97 25.26 20.74
CA PHE A 27 11.04 24.40 20.02
C PHE A 27 10.59 24.92 18.65
N VAL A 28 10.74 26.23 18.41
CA VAL A 28 10.19 26.91 17.24
C VAL A 28 11.28 27.70 16.51
N ASP A 29 11.35 27.51 15.21
CA ASP A 29 12.32 28.17 14.33
C ASP A 29 12.13 29.69 14.33
N ASP A 30 13.21 30.44 14.12
CA ASP A 30 13.12 31.90 14.00
C ASP A 30 12.14 32.41 12.93
N ASN A 31 12.05 31.65 11.84
CA ASN A 31 11.24 31.97 10.67
C ASN A 31 10.02 31.06 10.52
N VAL A 32 9.51 30.57 11.63
CA VAL A 32 8.32 29.75 11.64
C VAL A 32 7.17 30.43 10.87
N GLU A 33 6.47 29.62 10.10
CA GLU A 33 5.26 29.99 9.38
C GLU A 33 4.08 29.15 9.90
N HIS A 34 2.97 29.81 10.20
CA HIS A 34 1.78 29.16 10.74
C HIS A 34 0.57 29.47 9.85
N ASN A 35 -0.06 28.44 9.29
CA ASN A 35 -1.14 28.60 8.33
C ASN A 35 -0.86 29.63 7.25
N GLY A 36 0.33 29.53 6.67
CA GLY A 36 0.71 30.42 5.60
C GLY A 36 1.17 31.80 5.98
N ARG A 37 1.14 32.13 7.28
CA ARG A 37 1.54 33.44 7.76
C ARG A 37 3.02 33.34 8.17
N PRO A 38 3.92 34.00 7.42
CA PRO A 38 5.34 33.89 7.70
C PRO A 38 5.77 34.86 8.79
N PHE A 39 5.30 34.61 10.01
CA PHE A 39 5.32 35.63 11.06
C PHE A 39 6.39 35.47 12.11
N GLY A 40 7.21 34.44 11.97
CA GLY A 40 8.40 34.26 12.77
C GLY A 40 8.12 33.81 14.17
N LEU A 41 9.19 33.57 14.92
CA LEU A 41 9.09 33.16 16.32
C LEU A 41 8.31 34.17 17.15
N SER A 42 8.54 35.44 16.91
CA SER A 42 7.85 36.48 17.63
C SER A 42 6.34 36.51 17.36
N GLY A 43 5.95 36.37 16.09
CA GLY A 43 4.55 36.27 15.74
C GLY A 43 3.87 35.08 16.36
N TYR A 44 4.59 33.97 16.43
CA TYR A 44 4.11 32.73 17.03
C TYR A 44 3.90 32.87 18.54
N ARG A 45 4.85 33.52 19.20
CA ARG A 45 4.70 33.81 20.61
C ARG A 45 3.49 34.70 20.89
N ASP A 46 3.30 35.74 20.07
CA ASP A 46 2.15 36.63 20.18
C ASP A 46 0.81 35.87 20.00
N LEU A 48 0.25 32.60 20.69
CA LEU A 48 0.04 31.79 21.90
C LEU A 48 -0.36 32.66 23.11
N VAL A 49 0.31 33.81 23.26
CA VAL A 49 -0.01 34.76 24.32
C VAL A 49 -1.47 35.25 24.23
N LYS A 50 -1.96 35.50 23.01
CA LYS A 50 -3.35 35.87 22.79
C LYS A 50 -4.32 34.71 23.06
N ASP A 51 -3.97 33.51 22.62
CA ASP A 51 -4.78 32.32 22.92
C ASP A 51 -5.05 32.16 24.43
N PHE A 52 -4.00 32.34 25.22
CA PHE A 52 -4.13 32.20 26.67
C PHE A 52 -4.88 33.37 27.34
N ALA A 53 -4.81 34.56 26.75
CA ALA A 53 -5.56 35.68 27.21
C ALA A 53 -7.03 35.47 26.91
N ASP A 54 -7.35 34.90 25.74
CA ASP A 54 -8.73 34.59 25.34
C ASP A 54 -9.35 33.39 26.06
N ILE A 55 -8.50 32.42 26.42
CA ILE A 55 -8.92 31.14 26.97
C ILE A 55 -7.97 30.81 28.12
N PRO A 56 -8.21 31.40 29.31
CA PRO A 56 -7.31 31.23 30.46
C PRO A 56 -7.04 29.80 30.91
N ASP A 57 -8.03 28.92 30.76
CA ASP A 57 -7.91 27.51 31.13
C ASP A 57 -7.42 26.60 29.99
N LEU A 58 -6.86 27.19 28.95
CA LEU A 58 -6.32 26.44 27.83
C LEU A 58 -5.25 25.47 28.30
N ARG A 59 -5.33 24.25 27.78
CA ARG A 59 -4.39 23.22 28.08
C ARG A 59 -4.23 22.30 26.85
N PHE A 60 -2.98 21.92 26.55
CA PHE A 60 -2.63 21.17 25.36
C PHE A 60 -2.39 19.70 25.70
N GLU A 61 -3.15 18.83 25.04
CA GLU A 61 -3.03 17.38 25.20
C GLU A 61 -3.32 16.65 23.87
N ALA A 62 -2.37 15.84 23.45
CA ALA A 62 -2.48 15.06 22.21
C ALA A 62 -3.20 13.73 22.45
N GLU A 63 -4.27 13.50 21.69
CA GLU A 63 -4.93 12.20 21.63
C GLU A 63 -4.32 11.26 20.62
N ILE A 64 -3.76 11.78 19.54
CA ILE A 64 -3.05 10.97 18.53
C ILE A 64 -1.83 11.71 18.08
N LEU A 65 -0.72 11.00 17.99
CA LEU A 65 0.52 11.51 17.40
C LEU A 65 0.99 10.56 16.32
N VAL A 66 1.25 11.08 15.14
CA VAL A 66 1.85 10.29 14.06
C VAL A 66 3.07 11.08 13.57
N SER A 67 4.23 10.45 13.51
CA SER A 67 5.43 11.16 13.09
C SER A 67 6.44 10.28 12.33
N ASP A 68 7.28 10.94 11.55
CA ASP A 68 8.40 10.33 10.88
C ASP A 68 9.65 11.18 11.17
N ALA A 69 10.63 11.19 10.26
CA ALA A 69 11.91 11.84 10.52
C ALA A 69 11.78 13.35 10.54
N THR A 70 10.91 13.89 9.68
CA THR A 70 10.78 15.35 9.50
C THR A 70 9.39 15.97 9.84
N ARG A 71 8.35 15.15 9.98
CA ARG A 71 7.01 15.67 10.20
C ARG A 71 6.27 14.99 11.35
N LEU A 72 5.35 15.74 11.94
CA LEU A 72 4.50 15.22 12.98
C LEU A 72 3.08 15.74 12.78
N ALA A 73 2.09 14.86 12.93
CA ALA A 73 0.68 15.24 12.89
C ALA A 73 0.07 14.91 14.25
N ALA A 74 -0.67 15.87 14.83
CA ALA A 74 -1.27 15.71 16.13
C ALA A 74 -2.78 15.91 16.07
N ARG A 75 -3.54 15.04 16.73
CA ARG A 75 -4.92 15.37 17.10
C ARG A 75 -4.91 15.79 18.55
N LEU A 76 -5.22 17.06 18.77
CA LEU A 76 -5.24 17.67 20.09
C LEU A 76 -6.68 17.88 20.51
N PHE A 77 -6.99 17.54 21.76
CA PHE A 77 -8.32 17.68 22.31
C PHE A 77 -8.30 18.81 23.34
N PHE A 78 -9.27 19.71 23.22
CA PHE A 78 -9.42 20.87 24.10
C PHE A 78 -10.75 20.83 24.81
N ASP A 79 -10.68 21.08 26.11
CA ASP A 79 -11.81 21.24 26.99
C ASP A 79 -11.48 22.53 27.71
N CYS A 80 -12.15 23.61 27.32
CA CYS A 80 -11.76 24.93 27.78
C CYS A 80 -12.88 26.00 27.67
N THR A 81 -12.57 27.20 28.15
CA THR A 81 -13.59 28.25 28.39
C THR A 81 -13.15 29.59 27.79
N PRO A 82 -13.33 29.76 26.47
CA PRO A 82 -13.12 31.05 25.89
C PRO A 82 -13.98 32.13 26.53
N LYS A 83 -13.37 33.25 26.92
CA LYS A 83 -14.02 34.34 27.68
C LYS A 83 -15.09 35.05 26.84
N SER A 84 -14.88 35.08 25.54
CA SER A 84 -15.64 35.94 24.68
C SER A 84 -15.95 35.27 23.32
N ILE A 85 -15.71 36.00 22.25
CA ILE A 85 -15.92 35.50 20.89
C ILE A 85 -14.71 34.66 20.50
N PHE A 86 -14.99 33.49 19.94
CA PHE A 86 -13.98 32.51 19.62
C PHE A 86 -14.40 31.87 18.29
N ASP A 88 -15.30 33.44 15.72
CA ASP A 88 -16.50 34.22 15.42
C ASP A 88 -17.78 33.64 15.96
N LEU A 89 -17.70 32.89 17.06
CA LEU A 89 -18.90 32.40 17.71
C LEU A 89 -18.98 33.04 19.09
N PRO A 90 -20.19 33.25 19.58
CA PRO A 90 -20.37 33.89 20.88
C PRO A 90 -20.31 32.87 22.02
N VAL A 91 -19.12 32.32 22.27
CA VAL A 91 -18.91 31.31 23.30
C VAL A 91 -19.15 31.94 24.68
N ASN A 92 -18.49 33.08 24.92
CA ASN A 92 -18.80 33.97 26.04
C ASN A 92 -18.82 33.28 27.40
N GLY A 93 -17.73 32.56 27.71
CA GLY A 93 -17.56 31.94 29.04
C GLY A 93 -18.18 30.57 29.22
N ARG A 94 -18.71 30.01 28.14
CA ARG A 94 -19.18 28.63 28.13
C ARG A 94 -18.00 27.71 27.91
N ARG A 95 -18.01 26.59 28.63
CA ARG A 95 -17.03 25.53 28.47
C ARG A 95 -17.38 24.66 27.27
N VAL A 96 -16.43 24.50 26.37
CA VAL A 96 -16.63 23.79 25.12
C VAL A 96 -15.48 22.79 24.89
N GLN A 97 -15.81 21.73 24.15
CA GLN A 97 -14.83 20.71 23.81
C GLN A 97 -14.72 20.66 22.31
N PHE A 98 -13.50 20.67 21.79
CA PHE A 98 -13.24 20.58 20.35
C PHE A 98 -11.80 20.10 20.13
N CYS A 99 -11.54 19.60 18.94
CA CYS A 99 -10.22 19.19 18.56
C CYS A 99 -9.63 20.09 17.52
N GLU A 100 -8.32 20.01 17.45
CA GLU A 100 -7.49 20.62 16.42
C GLU A 100 -6.69 19.48 15.76
N HIS A 101 -6.63 19.49 14.44
CA HIS A 101 -5.77 18.55 13.70
C HIS A 101 -4.68 19.40 13.04
N VAL A 102 -3.41 19.12 13.39
CA VAL A 102 -2.29 20.01 13.02
C VAL A 102 -1.09 19.19 12.49
N PHE A 103 -0.48 19.67 11.40
CA PHE A 103 0.72 19.10 10.79
C PHE A 103 1.89 20.05 11.05
N TYR A 104 3.03 19.49 11.43
CA TYR A 104 4.26 20.26 11.65
C TYR A 104 5.35 19.77 10.72
N ASP A 105 6.06 20.70 10.10
CA ASP A 105 7.35 20.43 9.45
C ASP A 105 8.42 20.81 10.44
N PHE A 106 9.35 19.89 10.75
CA PHE A 106 10.48 20.21 11.62
C PHE A 106 11.76 20.37 10.82
N GLU A 107 12.58 21.33 11.24
CA GLU A 107 13.90 21.56 10.72
C GLU A 107 14.85 21.74 11.88
N GLN A 108 15.86 20.86 11.94
CA GLN A 108 16.86 20.87 12.99
C GLN A 108 16.22 20.93 14.41
N ALA A 109 15.29 20.01 14.64
CA ALA A 109 14.64 19.82 15.96
C ALA A 109 13.62 20.91 16.34
N LYS A 110 13.26 21.78 15.41
CA LYS A 110 12.36 22.87 15.69
C LYS A 110 11.21 22.93 14.69
N ILE A 111 10.05 23.39 15.16
CA ILE A 111 8.89 23.60 14.31
C ILE A 111 9.18 24.75 13.35
N ARG A 112 9.04 24.47 12.05
CA ARG A 112 9.32 25.41 10.99
C ARG A 112 8.07 25.82 10.22
N ARG A 113 7.16 24.89 10.00
CA ARG A 113 5.92 25.19 9.30
C ARG A 113 4.76 24.45 9.96
N VAL A 114 3.62 25.12 10.07
CA VAL A 114 2.47 24.55 10.76
C VAL A 114 1.24 24.72 9.87
N TRP A 115 0.44 23.64 9.74
CA TRP A 115 -0.87 23.73 9.16
C TRP A 115 -1.89 23.19 10.16
N SER A 116 -2.80 24.06 10.60
CA SER A 116 -3.78 23.74 11.64
C SER A 116 -5.19 23.93 11.21
N VAL A 117 -6.07 22.98 11.53
CA VAL A 117 -7.52 23.13 11.32
C VAL A 117 -8.21 22.82 12.67
N LEU A 118 -9.09 23.72 13.13
CA LEU A 118 -9.90 23.50 14.34
C LEU A 118 -11.34 23.15 13.97
N ASP A 119 -11.95 22.35 14.83
CA ASP A 119 -13.31 21.85 14.61
C ASP A 119 -14.38 22.88 15.07
N LYS A 120 -14.64 23.85 14.20
CA LYS A 120 -15.63 24.86 14.43
C LYS A 120 -17.02 24.25 14.56
N VAL A 121 -17.29 23.22 13.80
CA VAL A 121 -18.59 22.60 13.79
C VAL A 121 -18.97 22.02 15.17
N ALA A 122 -18.00 21.40 15.84
CA ALA A 122 -18.20 20.91 17.22
C ALA A 122 -18.64 22.01 18.18
N ILE A 123 -18.03 23.20 18.07
CA ILE A 123 -18.40 24.36 18.90
C ILE A 123 -19.82 24.85 18.57
N GLU A 124 -20.12 25.00 17.29
CA GLU A 124 -21.47 25.35 16.83
C GLU A 124 -22.54 24.44 17.43
N ARG A 125 -22.30 23.13 17.42
CA ARG A 125 -23.24 22.14 17.96
C ARG A 125 -23.46 22.34 19.43
N GLN A 126 -22.40 22.75 20.11
CA GLN A 126 -22.53 22.97 21.55
C GLN A 126 -23.26 24.27 21.90
N LEU A 127 -23.21 25.29 21.07
CA LEU A 127 -23.91 26.56 21.35
C LEU A 127 -25.33 26.52 20.82
N GLY A 128 -25.59 25.62 19.87
CA GLY A 128 -26.75 25.75 18.99
C GLY A 128 -28.06 25.23 19.56
N GLY B 1 8.86 -0.93 -4.71
CA GLY B 1 9.02 -2.01 -3.71
C GLY B 1 7.74 -2.31 -2.96
N GLN B 3 4.60 -2.45 -0.73
CA GLN B 3 3.64 -1.40 -0.37
C GLN B 3 3.62 -1.08 1.15
N THR B 4 3.28 0.16 1.45
CA THR B 4 3.22 0.79 2.78
C THR B 4 1.82 1.36 2.91
N LEU B 5 1.44 1.84 4.09
CA LEU B 5 0.16 2.51 4.27
C LEU B 5 0.01 3.64 3.28
N ASN B 6 1.09 4.35 2.99
CA ASN B 6 1.05 5.45 2.02
C ASN B 6 0.56 4.99 0.63
N ASP B 7 1.07 3.84 0.17
CA ASP B 7 0.67 3.28 -1.10
C ASP B 7 -0.78 2.85 -1.11
N ILE B 8 -1.20 2.15 -0.04
CA ILE B 8 -2.60 1.70 0.13
C ILE B 8 -3.55 2.93 0.09
N TYR B 9 -3.17 3.98 0.83
CA TYR B 9 -3.95 5.19 0.90
C TYR B 9 -4.09 5.90 -0.45
N LEU B 10 -3.00 6.07 -1.18
CA LEU B 10 -3.07 6.73 -2.47
C LEU B 10 -3.89 5.90 -3.48
N ALA B 11 -3.86 4.56 -3.36
CA ALA B 11 -4.70 3.67 -4.17
C ALA B 11 -6.19 3.86 -3.77
N TYR B 12 -6.44 4.04 -2.49
CA TYR B 12 -7.81 4.32 -1.98
C TYR B 12 -8.35 5.64 -2.56
N LEU B 13 -7.52 6.68 -2.54
CA LEU B 13 -7.91 7.98 -3.09
C LEU B 13 -8.15 7.90 -4.59
N ASP B 14 -7.33 7.09 -5.26
CA ASP B 14 -7.54 6.84 -6.68
C ASP B 14 -8.88 6.22 -6.99
N SER B 15 -9.28 5.22 -6.20
CA SER B 15 -10.58 4.59 -6.40
C SER B 15 -11.71 5.59 -6.15
N LEU B 16 -11.53 6.45 -5.14
CA LEU B 16 -12.50 7.50 -4.82
C LEU B 16 -12.66 8.48 -5.98
N ASN B 17 -11.54 8.86 -6.59
CA ASN B 17 -11.56 9.77 -7.74
C ASN B 17 -12.21 9.19 -8.99
N HIS B 18 -12.20 7.87 -9.14
CA HIS B 18 -12.95 7.21 -10.19
C HIS B 18 -14.33 6.75 -9.71
N GLN B 19 -14.70 7.14 -8.48
CA GLN B 19 -15.98 6.74 -7.86
C GLN B 19 -16.24 5.22 -7.95
N ALA B 20 -15.16 4.44 -7.76
CA ALA B 20 -15.22 2.98 -7.85
C ALA B 20 -15.53 2.39 -6.46
N PHE B 21 -16.79 2.54 -6.03
CA PHE B 21 -17.22 2.14 -4.68
C PHE B 21 -17.57 0.67 -4.49
N ASP B 22 -17.67 -0.08 -5.59
CA ASP B 22 -17.78 -1.54 -5.52
C ASP B 22 -16.49 -2.11 -4.94
N GLU B 23 -15.39 -1.41 -5.18
CA GLU B 23 -14.05 -1.81 -4.70
C GLU B 23 -13.76 -1.36 -3.25
N LEU B 24 -14.67 -0.61 -2.63
CA LEU B 24 -14.38 0.11 -1.37
C LEU B 24 -13.87 -0.80 -0.23
N GLY B 25 -14.46 -1.98 -0.11
CA GLY B 25 -14.04 -2.95 0.90
C GLY B 25 -12.61 -3.49 0.79
N THR B 26 -11.94 -3.26 -0.35
CA THR B 26 -10.50 -3.53 -0.47
C THR B 26 -9.72 -2.65 0.50
N PHE B 27 -10.22 -1.44 0.73
CA PHE B 27 -9.53 -0.39 1.50
C PHE B 27 -10.16 -0.06 2.86
N VAL B 28 -11.43 -0.42 3.07
CA VAL B 28 -12.20 0.01 4.26
C VAL B 28 -12.78 -1.23 4.96
N ASP B 29 -12.55 -1.32 6.27
CA ASP B 29 -13.01 -2.43 7.11
C ASP B 29 -14.54 -2.52 7.13
N ASP B 30 -15.07 -3.72 7.33
CA ASP B 30 -16.54 -3.91 7.41
C ASP B 30 -17.18 -3.09 8.54
N ASN B 31 -16.42 -2.90 9.62
CA ASN B 31 -16.87 -2.20 10.81
C ASN B 31 -16.22 -0.85 10.99
N VAL B 32 -15.85 -0.20 9.89
CA VAL B 32 -15.28 1.12 9.93
C VAL B 32 -16.16 2.11 10.73
N GLU B 33 -15.47 2.96 11.50
CA GLU B 33 -16.05 4.08 12.23
C GLU B 33 -15.49 5.38 11.68
N HIS B 34 -16.37 6.37 11.45
CA HIS B 34 -15.96 7.69 10.98
C HIS B 34 -16.49 8.74 11.93
N ASN B 35 -15.60 9.56 12.49
CA ASN B 35 -15.94 10.56 13.51
C ASN B 35 -16.86 10.02 14.57
N GLY B 36 -16.50 8.84 15.07
CA GLY B 36 -17.25 8.15 16.11
C GLY B 36 -18.57 7.50 15.72
N ARG B 37 -18.98 7.58 14.46
CA ARG B 37 -20.21 6.94 14.00
C ARG B 37 -19.88 5.52 13.54
N PRO B 38 -20.41 4.50 14.27
CA PRO B 38 -20.04 3.14 13.93
C PRO B 38 -20.93 2.63 12.80
N PHE B 39 -20.77 3.20 11.61
CA PHE B 39 -21.74 2.97 10.53
C PHE B 39 -21.30 1.93 9.45
N GLY B 40 -20.09 1.37 9.60
CA GLY B 40 -19.62 0.28 8.76
C GLY B 40 -19.33 0.64 7.32
N LEU B 41 -18.87 -0.36 6.56
CA LEU B 41 -18.53 -0.19 5.14
C LEU B 41 -19.67 0.45 4.34
N SER B 42 -20.91 0.00 4.56
CA SER B 42 -22.06 0.51 3.77
C SER B 42 -22.44 1.96 4.15
N GLY B 43 -22.32 2.29 5.44
CA GLY B 43 -22.49 3.67 5.88
C GLY B 43 -21.43 4.61 5.32
N TYR B 44 -20.20 4.09 5.20
CA TYR B 44 -19.06 4.79 4.65
C TYR B 44 -19.24 5.01 3.16
N ARG B 45 -19.69 3.98 2.44
CA ARG B 45 -20.02 4.09 1.01
C ARG B 45 -21.10 5.14 0.78
N ASP B 46 -22.14 5.13 1.61
CA ASP B 46 -23.25 6.11 1.50
C ASP B 46 -22.75 7.53 1.69
N LEU B 48 -19.65 8.71 1.05
CA LEU B 48 -18.92 9.11 -0.15
C LEU B 48 -19.85 9.35 -1.36
N VAL B 49 -20.89 8.52 -1.53
CA VAL B 49 -21.88 8.70 -2.59
C VAL B 49 -22.59 10.06 -2.43
N LYS B 50 -22.87 10.43 -1.18
CA LYS B 50 -23.52 11.71 -0.88
C LYS B 50 -22.61 12.91 -1.11
N ASP B 51 -21.34 12.78 -0.71
CA ASP B 51 -20.30 13.79 -0.99
C ASP B 51 -20.19 14.11 -2.49
N PHE B 52 -20.20 13.09 -3.34
CA PHE B 52 -20.14 13.31 -4.77
C PHE B 52 -21.44 13.88 -5.32
N ALA B 53 -22.59 13.50 -4.74
CA ALA B 53 -23.89 14.06 -5.18
C ALA B 53 -23.89 15.57 -4.89
N ASP B 54 -23.40 15.92 -3.70
CA ASP B 54 -23.29 17.31 -3.27
C ASP B 54 -22.18 18.15 -3.94
N ILE B 55 -21.08 17.52 -4.34
CA ILE B 55 -19.93 18.20 -5.00
C ILE B 55 -19.49 17.34 -6.20
N PRO B 56 -20.22 17.42 -7.32
CA PRO B 56 -19.92 16.62 -8.51
C PRO B 56 -18.46 16.62 -8.96
N ASP B 57 -17.78 17.75 -8.88
CA ASP B 57 -16.39 17.87 -9.33
C ASP B 57 -15.38 17.54 -8.22
N LEU B 58 -15.83 16.88 -7.15
CA LEU B 58 -14.95 16.55 -6.01
C LEU B 58 -13.81 15.70 -6.52
N ARG B 59 -12.61 15.97 -6.00
CA ARG B 59 -11.40 15.24 -6.32
C ARG B 59 -10.47 15.25 -5.09
N PHE B 60 -9.89 14.10 -4.81
CA PHE B 60 -9.07 13.88 -3.63
C PHE B 60 -7.58 13.91 -3.99
N GLU B 61 -6.87 14.73 -3.27
CA GLU B 61 -5.46 14.96 -3.50
C GLU B 61 -4.82 15.29 -2.15
N ALA B 62 -3.85 14.48 -1.72
CA ALA B 62 -3.12 14.70 -0.47
C ALA B 62 -1.93 15.64 -0.69
N GLU B 63 -1.89 16.73 0.08
N GLU B 63 -1.85 16.70 0.11
CA GLU B 63 -0.74 17.64 0.11
CA GLU B 63 -0.71 17.59 0.05
C GLU B 63 0.36 17.05 1.00
C GLU B 63 0.38 17.21 1.07
N ILE B 64 -0.02 16.61 2.19
CA ILE B 64 0.92 16.08 3.19
C ILE B 64 0.39 14.74 3.65
N LEU B 65 1.27 13.74 3.70
CA LEU B 65 1.00 12.44 4.28
C LEU B 65 2.09 12.14 5.35
N VAL B 66 1.64 11.74 6.55
CA VAL B 66 2.53 11.26 7.60
C VAL B 66 1.98 9.91 8.08
N SER B 67 2.83 8.91 8.13
CA SER B 67 2.37 7.59 8.55
C SER B 67 3.43 6.75 9.25
N ASP B 68 2.94 5.79 10.02
CA ASP B 68 3.79 4.77 10.64
C ASP B 68 3.21 3.38 10.32
N ALA B 69 3.42 2.42 11.19
CA ALA B 69 3.00 1.06 10.88
C ALA B 69 1.47 0.95 10.84
N THR B 70 0.77 1.65 11.73
CA THR B 70 -0.67 1.45 11.91
C THR B 70 -1.51 2.67 11.58
N ARG B 71 -0.91 3.84 11.46
CA ARG B 71 -1.70 5.06 11.33
C ARG B 71 -1.21 5.95 10.19
N LEU B 72 -2.14 6.71 9.62
CA LEU B 72 -1.82 7.70 8.59
C LEU B 72 -2.60 8.99 8.85
N ALA B 73 -1.90 10.12 8.74
CA ALA B 73 -2.52 11.44 8.80
C ALA B 73 -2.34 12.10 7.43
N ALA B 74 -3.44 12.64 6.88
CA ALA B 74 -3.41 13.32 5.57
C ALA B 74 -3.93 14.76 5.67
N ARG B 75 -3.22 15.70 5.04
CA ARG B 75 -3.78 16.99 4.68
C ARG B 75 -4.20 16.90 3.21
N LEU B 76 -5.51 16.94 2.99
CA LEU B 76 -6.13 16.89 1.69
C LEU B 76 -6.58 18.30 1.35
N PHE B 77 -6.36 18.69 0.10
CA PHE B 77 -6.72 19.97 -0.43
C PHE B 77 -7.83 19.78 -1.49
N PHE B 78 -8.91 20.55 -1.34
CA PHE B 78 -10.05 20.54 -2.25
C PHE B 78 -10.24 21.86 -2.92
N ASP B 79 -10.54 21.79 -4.20
CA ASP B 79 -10.86 22.92 -5.04
C ASP B 79 -12.05 22.46 -5.90
N CYS B 80 -13.25 22.81 -5.48
CA CYS B 80 -14.45 22.15 -5.97
C CYS B 80 -15.68 23.08 -5.89
N THR B 81 -16.83 22.56 -6.33
CA THR B 81 -18.01 23.37 -6.59
C THR B 81 -19.26 22.67 -6.02
N PRO B 82 -19.50 22.86 -4.71
CA PRO B 82 -20.71 22.33 -4.06
C PRO B 82 -21.92 22.92 -4.73
N LYS B 83 -22.89 22.08 -5.10
CA LYS B 83 -24.11 22.50 -5.77
C LYS B 83 -24.97 23.46 -4.97
N SER B 84 -24.99 23.25 -3.67
CA SER B 84 -26.02 23.80 -2.82
C SER B 84 -25.45 24.10 -1.42
N ILE B 85 -26.06 23.55 -0.38
CA ILE B 85 -25.63 23.75 1.00
C ILE B 85 -24.49 22.81 1.25
N PHE B 86 -23.44 23.28 1.93
CA PHE B 86 -22.30 22.45 2.30
C PHE B 86 -21.74 22.97 3.63
N ASP B 88 -23.57 23.47 6.18
CA ASP B 88 -24.61 24.49 6.47
C ASP B 88 -24.36 25.92 5.89
N LEU B 89 -23.55 25.99 4.85
CA LEU B 89 -23.21 27.22 4.19
C LEU B 89 -23.87 27.22 2.81
N PRO B 90 -24.52 28.34 2.41
CA PRO B 90 -25.13 28.38 1.07
C PRO B 90 -24.12 28.60 -0.08
N VAL B 91 -23.23 27.63 -0.29
CA VAL B 91 -22.18 27.74 -1.30
C VAL B 91 -22.80 27.91 -2.70
N ASN B 92 -23.82 27.10 -2.99
CA ASN B 92 -24.69 27.35 -4.11
C ASN B 92 -23.96 27.51 -5.45
N GLY B 93 -23.09 26.55 -5.76
CA GLY B 93 -22.47 26.47 -7.07
C GLY B 93 -21.25 27.33 -7.24
N ARG B 94 -20.78 27.95 -6.18
CA ARG B 94 -19.52 28.68 -6.25
C ARG B 94 -18.35 27.74 -5.96
N ARG B 95 -17.26 27.97 -6.68
CA ARG B 95 -16.01 27.24 -6.47
C ARG B 95 -15.28 27.72 -5.21
N VAL B 96 -14.88 26.76 -4.38
CA VAL B 96 -14.27 27.09 -3.10
C VAL B 96 -13.11 26.15 -2.87
N GLN B 97 -12.10 26.62 -2.12
CA GLN B 97 -10.94 25.84 -1.77
C GLN B 97 -10.90 25.68 -0.24
N PHE B 98 -10.71 24.46 0.21
CA PHE B 98 -10.59 24.20 1.63
C PHE B 98 -9.84 22.90 1.85
N CYS B 99 -9.26 22.76 3.03
N CYS B 99 -9.27 22.77 3.04
CA CYS B 99 -8.56 21.53 3.35
CA CYS B 99 -8.51 21.57 3.39
C CYS B 99 -9.31 20.69 4.37
C CYS B 99 -9.30 20.70 4.37
N GLU B 100 -8.96 19.42 4.40
CA GLU B 100 -9.43 18.47 5.40
C GLU B 100 -8.18 17.83 6.02
N HIS B 101 -8.16 17.77 7.35
CA HIS B 101 -7.10 17.07 8.10
C HIS B 101 -7.70 15.84 8.75
N VAL B 102 -7.16 14.69 8.39
CA VAL B 102 -7.80 13.43 8.75
C VAL B 102 -6.76 12.40 9.22
N PHE B 103 -7.12 11.72 10.30
CA PHE B 103 -6.36 10.60 10.87
C PHE B 103 -7.06 9.26 10.58
N TYR B 104 -6.28 8.26 10.19
CA TYR B 104 -6.78 6.91 9.94
C TYR B 104 -6.04 5.90 10.81
N ASP B 105 -6.81 5.02 11.44
CA ASP B 105 -6.26 3.87 12.14
C ASP B 105 -6.54 2.71 11.20
N PHE B 106 -5.47 2.02 10.77
CA PHE B 106 -5.54 0.87 9.88
C PHE B 106 -5.49 -0.42 10.70
N GLU B 107 -6.25 -1.42 10.24
CA GLU B 107 -6.18 -2.78 10.77
C GLU B 107 -6.19 -3.76 9.59
N GLN B 108 -5.12 -4.54 9.48
CA GLN B 108 -4.96 -5.47 8.38
C GLN B 108 -5.12 -4.82 6.99
N ALA B 109 -4.40 -3.71 6.79
CA ALA B 109 -4.31 -2.99 5.49
C ALA B 109 -5.62 -2.30 5.07
N LYS B 110 -6.56 -2.13 6.00
CA LYS B 110 -7.82 -1.43 5.74
C LYS B 110 -8.14 -0.36 6.80
N ILE B 111 -8.78 0.72 6.36
CA ILE B 111 -9.21 1.79 7.24
C ILE B 111 -10.25 1.28 8.21
N ARG B 112 -9.98 1.48 9.51
CA ARG B 112 -10.85 0.96 10.57
C ARG B 112 -11.49 2.08 11.39
N ARG B 113 -10.74 3.14 11.64
CA ARG B 113 -11.27 4.31 12.33
C ARG B 113 -10.73 5.58 11.65
N VAL B 114 -11.62 6.58 11.53
CA VAL B 114 -11.28 7.83 10.90
C VAL B 114 -11.68 8.97 11.83
N TRP B 115 -10.80 9.97 11.92
CA TRP B 115 -11.13 11.23 12.59
C TRP B 115 -10.81 12.34 11.63
N SER B 116 -11.83 13.08 11.20
CA SER B 116 -11.68 14.10 10.18
C SER B 116 -12.19 15.46 10.66
N VAL B 117 -11.45 16.52 10.31
CA VAL B 117 -11.87 17.90 10.52
C VAL B 117 -11.71 18.65 9.20
N LEU B 118 -12.78 19.32 8.76
CA LEU B 118 -12.77 20.19 7.56
C LEU B 118 -12.63 21.67 7.95
N ASP B 119 -11.98 22.47 7.09
CA ASP B 119 -11.76 23.88 7.35
C ASP B 119 -12.97 24.71 6.88
N LYS B 120 -13.98 24.75 7.75
CA LYS B 120 -15.19 25.51 7.54
C LYS B 120 -14.89 26.99 7.50
N VAL B 121 -13.95 27.45 8.31
CA VAL B 121 -13.60 28.87 8.35
C VAL B 121 -13.14 29.38 6.98
N ALA B 122 -12.37 28.58 6.24
CA ALA B 122 -11.86 28.90 4.88
C ALA B 122 -13.03 29.14 3.94
N ILE B 123 -14.05 28.29 4.04
CA ILE B 123 -15.23 28.44 3.20
C ILE B 123 -16.03 29.71 3.57
N GLU B 124 -16.23 29.94 4.86
CA GLU B 124 -16.92 31.13 5.36
C GLU B 124 -16.31 32.41 4.83
N ARG B 125 -14.99 32.47 4.91
CA ARG B 125 -14.25 33.60 4.37
C ARG B 125 -14.44 33.83 2.90
N GLN B 126 -14.51 32.75 2.11
CA GLN B 126 -14.71 32.87 0.68
C GLN B 126 -16.10 33.36 0.29
N LEU B 127 -17.11 33.07 1.10
CA LEU B 127 -18.46 33.51 0.86
C LEU B 127 -18.74 34.88 1.49
N GLY B 128 -17.86 35.30 2.41
CA GLY B 128 -18.13 36.42 3.29
C GLY B 128 -17.62 37.78 2.86
N GLN C 3 -7.46 -12.03 10.24
CA GLN C 3 -6.02 -12.35 10.07
C GLN C 3 -5.68 -12.35 8.59
N THR C 4 -4.58 -11.70 8.20
CA THR C 4 -4.33 -11.56 6.77
C THR C 4 -3.71 -12.84 6.20
N LEU C 5 -3.89 -13.08 4.91
CA LEU C 5 -3.24 -14.21 4.24
C LEU C 5 -1.71 -14.17 4.39
N ASN C 6 -1.15 -12.96 4.37
CA ASN C 6 0.28 -12.75 4.61
C ASN C 6 0.71 -13.32 5.97
N ASP C 7 -0.05 -13.02 7.02
CA ASP C 7 0.25 -13.50 8.37
C ASP C 7 0.13 -15.02 8.48
N ILE C 8 -0.95 -15.58 7.92
CA ILE C 8 -1.14 -17.04 7.86
C ILE C 8 0.02 -17.73 7.13
N TYR C 9 0.41 -17.15 5.99
CA TYR C 9 1.47 -17.67 5.18
C TYR C 9 2.85 -17.67 5.85
N LEU C 10 3.20 -16.59 6.51
CA LEU C 10 4.46 -16.52 7.23
C LEU C 10 4.47 -17.52 8.41
N ALA C 11 3.31 -17.73 9.05
CA ALA C 11 3.16 -18.73 10.10
C ALA C 11 3.36 -20.15 9.55
N TYR C 12 2.84 -20.39 8.34
CA TYR C 12 3.01 -21.66 7.65
C TYR C 12 4.49 -21.93 7.34
N LEU C 13 5.16 -20.92 6.77
CA LEU C 13 6.59 -21.05 6.48
C LEU C 13 7.37 -21.29 7.77
N ASP C 14 6.99 -20.63 8.85
CA ASP C 14 7.65 -20.86 10.13
C ASP C 14 7.52 -22.33 10.55
N SER C 15 6.33 -22.93 10.42
CA SER C 15 6.08 -24.32 10.79
C SER C 15 6.94 -25.24 9.94
N LEU C 16 7.04 -24.93 8.64
CA LEU C 16 7.89 -25.68 7.72
C LEU C 16 9.35 -25.64 8.12
N ASN C 17 9.85 -24.47 8.47
CA ASN C 17 11.24 -24.30 8.91
C ASN C 17 11.60 -25.10 10.16
N HIS C 18 10.61 -25.31 11.04
CA HIS C 18 10.76 -26.19 12.20
C HIS C 18 10.32 -27.63 11.96
N GLN C 19 9.99 -27.96 10.72
CA GLN C 19 9.52 -29.28 10.29
C GLN C 19 8.39 -29.78 11.17
N ALA C 20 7.48 -28.87 11.52
CA ALA C 20 6.37 -29.15 12.43
C ALA C 20 5.13 -29.56 11.62
N PHE C 21 5.21 -30.75 11.04
CA PHE C 21 4.21 -31.25 10.07
C PHE C 21 2.99 -31.90 10.74
N ASP C 22 3.01 -32.12 12.05
CA ASP C 22 1.80 -32.50 12.78
C ASP C 22 0.79 -31.37 12.78
N GLU C 23 1.29 -30.15 12.66
CA GLU C 23 0.48 -28.92 12.64
C GLU C 23 -0.01 -28.55 11.25
N LEU C 24 0.39 -29.29 10.21
CA LEU C 24 0.23 -28.84 8.82
C LEU C 24 -1.22 -28.54 8.46
N GLY C 25 -2.14 -29.34 8.98
CA GLY C 25 -3.58 -29.09 8.78
C GLY C 25 -4.15 -27.76 9.24
N THR C 26 -3.42 -27.05 10.11
CA THR C 26 -3.74 -25.66 10.50
C THR C 26 -3.71 -24.74 9.28
N PHE C 27 -2.81 -25.06 8.35
CA PHE C 27 -2.49 -24.19 7.21
C PHE C 27 -2.97 -24.71 5.85
N VAL C 28 -3.22 -26.01 5.78
CA VAL C 28 -3.39 -26.71 4.51
C VAL C 28 -4.69 -27.49 4.58
N ASP C 29 -5.54 -27.29 3.57
CA ASP C 29 -6.83 -27.97 3.43
C ASP C 29 -6.70 -29.50 3.27
N ASP C 30 -7.72 -30.23 3.74
CA ASP C 30 -7.76 -31.68 3.65
C ASP C 30 -7.60 -32.20 2.23
N ASN C 31 -8.18 -31.45 1.28
CA ASN C 31 -8.20 -31.76 -0.13
C ASN C 31 -7.30 -30.87 -0.96
N VAL C 32 -6.20 -30.40 -0.37
CA VAL C 32 -5.25 -29.58 -1.12
C VAL C 32 -4.74 -30.29 -2.39
N GLU C 33 -4.57 -29.48 -3.44
CA GLU C 33 -4.05 -29.84 -4.71
C GLU C 33 -2.79 -29.02 -4.98
N HIS C 34 -1.71 -29.68 -5.39
CA HIS C 34 -0.43 -29.05 -5.68
C HIS C 34 0.03 -29.39 -7.10
N ASN C 35 0.21 -28.38 -7.93
CA ASN C 35 0.52 -28.58 -9.33
C ASN C 35 -0.39 -29.61 -10.02
N GLY C 36 -1.70 -29.48 -9.79
CA GLY C 36 -2.70 -30.36 -10.42
C GLY C 36 -2.79 -31.76 -9.85
N ARG C 37 -2.02 -32.08 -8.82
CA ARG C 37 -2.08 -33.37 -8.17
C ARG C 37 -3.04 -33.27 -6.99
N PRO C 38 -4.22 -33.92 -7.08
CA PRO C 38 -5.18 -33.81 -6.01
C PRO C 38 -4.86 -34.79 -4.88
N PHE C 39 -3.75 -34.55 -4.21
CA PHE C 39 -3.17 -35.52 -3.29
C PHE C 39 -3.46 -35.32 -1.79
N GLY C 40 -4.22 -34.29 -1.45
CA GLY C 40 -4.70 -34.08 -0.10
C GLY C 40 -3.62 -33.66 0.88
N LEU C 41 -4.06 -33.40 2.12
CA LEU C 41 -3.16 -33.00 3.20
C LEU C 41 -2.04 -34.02 3.43
N SER C 42 -2.39 -35.29 3.38
CA SER C 42 -1.39 -36.35 3.58
C SER C 42 -0.32 -36.40 2.46
N GLY C 43 -0.74 -36.26 1.20
CA GLY C 43 0.19 -36.20 0.09
C GLY C 43 1.10 -35.00 0.20
N TYR C 44 0.55 -33.88 0.68
CA TYR C 44 1.28 -32.62 0.82
C TYR C 44 2.32 -32.75 1.93
N ARG C 45 1.94 -33.39 3.03
CA ARG C 45 2.90 -33.68 4.10
C ARG C 45 4.03 -34.58 3.61
N ASP C 46 3.71 -35.62 2.84
CA ASP C 46 4.72 -36.53 2.29
C ASP C 46 5.70 -35.79 1.34
N LEU C 48 6.57 -32.55 1.51
CA LEU C 48 7.43 -31.78 2.40
C LEU C 48 8.47 -32.65 3.14
N VAL C 49 8.04 -33.81 3.63
CA VAL C 49 8.91 -34.76 4.32
C VAL C 49 10.03 -35.23 3.39
N LYS C 50 9.72 -35.45 2.11
CA LYS C 50 10.71 -35.84 1.11
C LYS C 50 11.64 -34.69 0.80
N ASP C 51 11.12 -33.48 0.60
CA ASP C 51 11.95 -32.30 0.36
C ASP C 51 13.06 -32.16 1.43
N PHE C 52 12.68 -32.33 2.68
CA PHE C 52 13.65 -32.23 3.77
C PHE C 52 14.61 -33.42 3.86
N ALA C 53 14.17 -34.61 3.44
CA ALA C 53 15.05 -35.76 3.40
C ALA C 53 16.08 -35.56 2.29
N ASP C 54 15.65 -34.99 1.16
CA ASP C 54 16.53 -34.69 0.02
C ASP C 54 17.47 -33.48 0.25
N ILE C 55 16.99 -32.49 1.02
CA ILE C 55 17.68 -31.21 1.23
C ILE C 55 17.64 -30.88 2.72
N PRO C 56 18.50 -31.50 3.52
CA PRO C 56 18.46 -31.31 4.96
C PRO C 56 18.49 -29.86 5.48
N ASP C 57 19.23 -29.01 4.78
CA ASP C 57 19.39 -27.61 5.15
C ASP C 57 18.32 -26.67 4.50
N LEU C 58 17.27 -27.25 3.98
CA LEU C 58 16.19 -26.49 3.36
C LEU C 58 15.59 -25.50 4.34
N ARG C 59 15.32 -24.30 3.86
CA ARG C 59 14.79 -23.23 4.65
C ARG C 59 13.96 -22.30 3.75
N PHE C 60 12.80 -21.91 4.24
CA PHE C 60 11.81 -21.14 3.50
C PHE C 60 11.82 -19.68 3.92
N GLU C 61 12.03 -18.82 2.93
CA GLU C 61 12.14 -17.39 3.09
C GLU C 61 11.54 -16.67 1.87
N ALA C 62 10.50 -15.87 2.09
CA ALA C 62 9.83 -15.11 1.03
C ALA C 62 10.56 -13.80 0.78
N GLU C 63 10.91 -13.52 -0.47
CA GLU C 63 11.48 -12.22 -0.83
C GLU C 63 10.40 -11.23 -1.31
N ILE C 64 9.36 -11.75 -1.94
CA ILE C 64 8.21 -10.94 -2.35
C ILE C 64 6.98 -11.71 -1.99
N LEU C 65 6.02 -11.01 -1.40
CA LEU C 65 4.67 -11.51 -1.14
C LEU C 65 3.66 -10.51 -1.74
N VAL C 66 2.72 -11.01 -2.53
CA VAL C 66 1.59 -10.21 -3.03
C VAL C 66 0.31 -10.98 -2.74
N SER C 67 -0.67 -10.33 -2.14
CA SER C 67 -1.90 -11.02 -1.79
C SER C 67 -3.14 -10.16 -1.84
N ASP C 68 -4.28 -10.82 -1.98
CA ASP C 68 -5.57 -10.19 -1.89
C ASP C 68 -6.42 -11.02 -0.92
N ALA C 69 -7.75 -11.01 -1.07
CA ALA C 69 -8.66 -11.65 -0.11
C ALA C 69 -8.54 -13.15 -0.14
N THR C 70 -8.34 -13.72 -1.33
CA THR C 70 -8.35 -15.16 -1.50
C THR C 70 -7.05 -15.78 -2.03
N ARG C 71 -6.12 -14.97 -2.51
CA ARG C 71 -4.91 -15.50 -3.13
C ARG C 71 -3.64 -14.85 -2.63
N LEU C 72 -2.54 -15.61 -2.69
CA LEU C 72 -1.22 -15.11 -2.36
C LEU C 72 -0.20 -15.66 -3.38
N ALA C 73 0.71 -14.80 -3.81
CA ALA C 73 1.83 -15.20 -4.65
C ALA C 73 3.11 -14.87 -3.89
N ALA C 74 4.06 -15.81 -3.90
CA ALA C 74 5.33 -15.68 -3.22
C ALA C 74 6.52 -15.92 -4.17
N ARG C 75 7.53 -15.06 -4.05
CA ARG C 75 8.86 -15.35 -4.57
C ARG C 75 9.68 -15.80 -3.38
N LEU C 76 10.04 -17.09 -3.38
CA LEU C 76 10.82 -17.71 -2.32
C LEU C 76 12.24 -17.91 -2.82
N PHE C 77 13.21 -17.60 -1.99
CA PHE C 77 14.63 -17.77 -2.32
C PHE C 77 15.23 -18.89 -1.48
N PHE C 78 15.91 -19.83 -2.15
CA PHE C 78 16.52 -20.99 -1.49
C PHE C 78 18.03 -20.98 -1.67
N ASP C 79 18.74 -21.22 -0.56
CA ASP C 79 20.17 -21.39 -0.56
C ASP C 79 20.36 -22.67 0.24
N CYS C 80 20.66 -23.75 -0.48
CA CYS C 80 20.56 -25.07 0.11
C CYS C 80 21.38 -26.13 -0.63
N THR C 81 21.42 -27.33 -0.05
CA THR C 81 22.36 -28.39 -0.42
C THR C 81 21.63 -29.73 -0.63
N PRO C 82 20.98 -29.89 -1.81
CA PRO C 82 20.47 -31.21 -2.16
C PRO C 82 21.55 -32.33 -2.14
N LYS C 83 21.25 -33.41 -1.43
CA LYS C 83 22.20 -34.49 -1.19
C LYS C 83 22.61 -35.16 -2.51
N SER C 84 21.65 -35.21 -3.43
CA SER C 84 21.75 -36.08 -4.56
C SER C 84 21.18 -35.43 -5.83
N ILE C 85 20.37 -36.20 -6.57
CA ILE C 85 19.72 -35.71 -7.80
C ILE C 85 18.55 -34.84 -7.39
N PHE C 86 18.45 -33.67 -8.00
CA PHE C 86 17.42 -32.68 -7.70
C PHE C 86 17.01 -32.06 -9.04
N ASP C 88 16.22 -33.63 -11.61
CA ASP C 88 16.97 -34.42 -12.56
C ASP C 88 18.32 -33.82 -12.91
N LEU C 89 18.93 -33.11 -11.97
CA LEU C 89 20.30 -32.64 -12.16
C LEU C 89 21.18 -33.29 -11.09
N PRO C 90 22.45 -33.59 -11.45
CA PRO C 90 23.38 -34.16 -10.46
C PRO C 90 23.96 -33.11 -9.50
N VAL C 91 23.14 -32.58 -8.59
CA VAL C 91 23.63 -31.55 -7.67
C VAL C 91 24.60 -32.19 -6.66
N ASN C 92 24.19 -33.32 -6.08
CA ASN C 92 25.09 -34.20 -5.35
C ASN C 92 25.96 -33.51 -4.29
N GLY C 93 25.29 -32.74 -3.41
CA GLY C 93 25.92 -32.13 -2.24
C GLY C 93 26.52 -30.76 -2.45
N ARG C 94 26.35 -30.22 -3.65
CA ARG C 94 26.74 -28.84 -3.92
C ARG C 94 25.67 -27.92 -3.41
N ARG C 95 26.09 -26.80 -2.83
CA ARG C 95 25.19 -25.75 -2.38
C ARG C 95 24.76 -24.90 -3.57
N VAL C 96 23.45 -24.69 -3.71
CA VAL C 96 22.90 -23.99 -4.86
C VAL C 96 21.85 -22.98 -4.41
N GLN C 97 21.70 -21.91 -5.20
CA GLN C 97 20.71 -20.88 -4.93
C GLN C 97 19.75 -20.80 -6.09
N PHE C 98 18.47 -20.84 -5.79
CA PHE C 98 17.43 -20.76 -6.81
C PHE C 98 16.14 -20.23 -6.16
N CYS C 99 15.24 -19.72 -7.00
CA CYS C 99 13.94 -19.30 -6.54
C CYS C 99 12.82 -20.18 -7.00
N GLU C 100 11.73 -20.11 -6.26
CA GLU C 100 10.46 -20.70 -6.55
C GLU C 100 9.43 -19.55 -6.62
N HIS C 101 8.62 -19.54 -7.67
CA HIS C 101 7.50 -18.59 -7.79
C HIS C 101 6.24 -19.40 -7.71
N VAL C 102 5.43 -19.13 -6.69
CA VAL C 102 4.29 -19.99 -6.32
C VAL C 102 3.04 -19.14 -6.04
N PHE C 103 1.89 -19.64 -6.52
CA PHE C 103 0.56 -19.08 -6.28
C PHE C 103 -0.25 -20.03 -5.41
N TYR C 104 -0.99 -19.44 -4.44
CA TYR C 104 -1.88 -20.18 -3.55
C TYR C 104 -3.31 -19.65 -3.64
N ASP C 105 -4.28 -20.57 -3.75
CA ASP C 105 -5.69 -20.27 -3.53
C ASP C 105 -5.98 -20.66 -2.11
N PHE C 106 -6.54 -19.75 -1.31
CA PHE C 106 -6.92 -20.03 0.07
C PHE C 106 -8.41 -20.22 0.18
N GLU C 107 -8.81 -21.13 1.05
CA GLU C 107 -10.21 -21.36 1.35
C GLU C 107 -10.32 -21.51 2.86
N GLN C 108 -11.06 -20.60 3.49
CA GLN C 108 -11.22 -20.58 4.94
C GLN C 108 -9.89 -20.62 5.70
N ALA C 109 -8.99 -19.72 5.32
CA ALA C 109 -7.69 -19.55 6.00
C ALA C 109 -6.70 -20.67 5.76
N LYS C 110 -6.98 -21.57 4.81
CA LYS C 110 -6.07 -22.68 4.51
C LYS C 110 -5.73 -22.74 3.03
N ILE C 111 -4.52 -23.19 2.73
CA ILE C 111 -4.09 -23.41 1.38
C ILE C 111 -4.90 -24.57 0.77
N ARG C 112 -5.53 -24.30 -0.37
CA ARG C 112 -6.41 -25.25 -1.07
C ARG C 112 -5.87 -25.68 -2.43
N ARG C 113 -5.28 -24.76 -3.17
CA ARG C 113 -4.64 -25.07 -4.45
C ARG C 113 -3.32 -24.32 -4.57
N VAL C 114 -2.31 -24.97 -5.14
CA VAL C 114 -0.98 -24.42 -5.27
C VAL C 114 -0.54 -24.64 -6.72
N TRP C 115 0.08 -23.58 -7.29
CA TRP C 115 0.82 -23.68 -8.53
C TRP C 115 2.24 -23.17 -8.32
N SER C 116 3.21 -24.06 -8.53
CA SER C 116 4.60 -23.75 -8.26
C SER C 116 5.47 -23.98 -9.45
N VAL C 117 6.39 -23.03 -9.71
CA VAL C 117 7.46 -23.19 -10.69
C VAL C 117 8.80 -22.89 -10.01
N LEU C 118 9.77 -23.82 -10.13
CA LEU C 118 11.16 -23.63 -9.61
C LEU C 118 12.07 -23.25 -10.75
N ASP C 119 13.09 -22.46 -10.44
CA ASP C 119 14.03 -21.98 -11.43
C ASP C 119 15.13 -23.02 -11.68
N LYS C 120 14.85 -23.98 -12.56
CA LYS C 120 15.79 -25.04 -12.93
C LYS C 120 17.00 -24.47 -13.65
N VAL C 121 16.77 -23.43 -14.45
CA VAL C 121 17.84 -22.80 -15.24
C VAL C 121 18.98 -22.26 -14.35
N ALA C 122 18.60 -21.65 -13.23
CA ALA C 122 19.55 -21.13 -12.25
C ALA C 122 20.48 -22.25 -11.72
N ILE C 123 19.92 -23.41 -11.44
CA ILE C 123 20.68 -24.57 -10.95
C ILE C 123 21.61 -25.08 -12.04
N GLU C 124 21.09 -25.23 -13.26
CA GLU C 124 21.91 -25.61 -14.42
C GLU C 124 23.15 -24.73 -14.57
N ARG C 125 22.98 -23.43 -14.42
CA ARG C 125 24.08 -22.49 -14.60
C ARG C 125 25.11 -22.63 -13.52
N GLN C 126 24.69 -23.00 -12.34
CA GLN C 126 25.63 -23.20 -11.26
C GLN C 126 26.41 -24.51 -11.36
N LEU C 127 25.84 -25.55 -11.99
CA LEU C 127 26.56 -26.80 -12.21
C LEU C 127 27.42 -26.78 -13.47
N GLY C 128 27.12 -25.87 -14.39
CA GLY C 128 27.53 -26.03 -15.79
C GLY C 128 28.90 -25.52 -16.16
N THR D 4 -6.35 0.50 -12.05
CA THR D 4 -5.54 -0.43 -11.20
C THR D 4 -4.37 -1.02 -11.98
N LEU D 5 -3.43 -1.62 -11.27
CA LEU D 5 -2.32 -2.33 -11.87
C LEU D 5 -2.81 -3.49 -12.76
N ASN D 6 -3.89 -4.13 -12.35
CA ASN D 6 -4.54 -5.16 -13.13
C ASN D 6 -4.91 -4.65 -14.54
N ASP D 7 -5.61 -3.53 -14.60
CA ASP D 7 -6.05 -2.96 -15.87
C ASP D 7 -4.86 -2.54 -16.74
N ILE D 8 -3.84 -1.91 -16.14
CA ILE D 8 -2.60 -1.53 -16.84
C ILE D 8 -1.92 -2.77 -17.44
N TYR D 9 -1.86 -3.83 -16.64
CA TYR D 9 -1.21 -5.08 -17.06
C TYR D 9 -1.91 -5.79 -18.23
N LEU D 10 -3.24 -5.86 -18.18
CA LEU D 10 -3.97 -6.51 -19.26
C LEU D 10 -3.90 -5.67 -20.55
N ALA D 11 -3.79 -4.36 -20.41
CA ALA D 11 -3.58 -3.48 -21.54
C ALA D 11 -2.19 -3.71 -22.11
N TYR D 12 -1.21 -3.92 -21.24
CA TYR D 12 0.17 -4.23 -21.65
C TYR D 12 0.22 -5.54 -22.46
N LEU D 13 -0.44 -6.58 -21.95
CA LEU D 13 -0.47 -7.88 -22.64
C LEU D 13 -1.20 -7.73 -23.96
N ASP D 14 -2.25 -6.92 -23.99
CA ASP D 14 -2.96 -6.68 -25.26
C ASP D 14 -2.04 -6.06 -26.31
N SER D 15 -1.19 -5.11 -25.92
CA SER D 15 -0.24 -4.48 -26.86
C SER D 15 0.81 -5.50 -27.32
N LEU D 16 1.26 -6.38 -26.41
CA LEU D 16 2.19 -7.45 -26.74
C LEU D 16 1.60 -8.37 -27.80
N ASN D 17 0.33 -8.75 -27.61
CA ASN D 17 -0.35 -9.65 -28.55
C ASN D 17 -0.52 -9.08 -29.94
N HIS D 18 -0.59 -7.77 -30.04
CA HIS D 18 -0.60 -7.08 -31.32
C HIS D 18 0.82 -6.70 -31.78
N GLN D 19 1.83 -7.07 -31.00
CA GLN D 19 3.23 -6.71 -31.26
C GLN D 19 3.42 -5.21 -31.46
N ALA D 20 2.69 -4.43 -30.66
CA ALA D 20 2.71 -2.97 -30.74
C ALA D 20 3.79 -2.39 -29.84
N PHE D 21 5.04 -2.58 -30.23
CA PHE D 21 6.20 -2.24 -29.40
C PHE D 21 6.64 -0.76 -29.51
N ASP D 22 6.07 -0.02 -30.45
CA ASP D 22 6.21 1.44 -30.46
C ASP D 22 5.52 2.06 -29.23
N GLU D 23 4.49 1.39 -28.73
CA GLU D 23 3.75 1.83 -27.52
C GLU D 23 4.39 1.39 -26.21
N LEU D 24 5.45 0.57 -26.26
CA LEU D 24 5.92 -0.15 -25.07
C LEU D 24 6.22 0.76 -23.88
N GLY D 25 6.77 1.94 -24.14
CA GLY D 25 7.04 2.90 -23.08
C GLY D 25 5.84 3.45 -22.28
N THR D 26 4.62 3.22 -22.79
CA THR D 26 3.40 3.52 -22.03
C THR D 26 3.33 2.64 -20.78
N PHE D 27 3.85 1.43 -20.90
CA PHE D 27 3.73 0.40 -19.88
C PHE D 27 5.05 0.07 -19.17
N VAL D 28 6.19 0.40 -19.78
CA VAL D 28 7.50 -0.04 -19.29
C VAL D 28 8.40 1.18 -19.04
N ASP D 29 9.00 1.27 -17.85
CA ASP D 29 9.90 2.36 -17.44
C ASP D 29 11.16 2.40 -18.33
N ASP D 30 11.73 3.58 -18.49
CA ASP D 30 12.96 3.75 -19.29
C ASP D 30 14.13 2.89 -18.77
N ASN D 31 14.17 2.75 -17.45
CA ASN D 31 15.24 2.04 -16.76
C ASN D 31 14.78 0.69 -16.24
N VAL D 32 13.84 0.04 -16.91
CA VAL D 32 13.36 -1.27 -16.51
C VAL D 32 14.51 -2.30 -16.39
N GLU D 33 14.40 -3.13 -15.37
CA GLU D 33 15.30 -4.24 -15.12
C GLU D 33 14.50 -5.56 -15.18
N HIS D 34 15.03 -6.55 -15.91
CA HIS D 34 14.38 -7.83 -16.06
C HIS D 34 15.34 -8.92 -15.63
N ASN D 35 14.93 -9.72 -14.64
CA ASN D 35 15.78 -10.75 -14.05
C ASN D 35 17.20 -10.24 -13.79
N GLY D 36 17.28 -9.11 -13.11
CA GLY D 36 18.55 -8.53 -12.72
C GLY D 36 19.37 -7.87 -13.82
N ARG D 37 18.89 -7.91 -15.06
CA ARG D 37 19.56 -7.25 -16.18
C ARG D 37 19.05 -5.81 -16.33
N PRO D 38 19.93 -4.80 -16.09
CA PRO D 38 19.44 -3.44 -16.12
C PRO D 38 19.51 -2.93 -17.55
N PHE D 39 18.69 -3.49 -18.43
CA PHE D 39 18.82 -3.24 -19.86
C PHE D 39 17.88 -2.19 -20.45
N GLY D 40 17.03 -1.59 -19.61
CA GLY D 40 16.17 -0.48 -20.03
C GLY D 40 15.07 -0.83 -21.02
N LEU D 41 14.29 0.20 -21.38
CA LEU D 41 13.17 0.04 -22.30
C LEU D 41 13.60 -0.57 -23.64
N SER D 42 14.76 -0.15 -24.12
N SER D 42 14.76 -0.15 -24.14
CA SER D 42 15.32 -0.61 -25.41
CA SER D 42 15.28 -0.64 -25.42
C SER D 42 15.70 -2.09 -25.38
C SER D 42 15.65 -2.12 -25.36
N GLY D 43 16.32 -2.52 -24.29
CA GLY D 43 16.67 -3.93 -24.08
C GLY D 43 15.46 -4.80 -23.87
N TYR D 44 14.43 -4.25 -23.23
CA TYR D 44 13.16 -4.94 -22.99
C TYR D 44 12.40 -5.17 -24.30
N ARG D 45 12.39 -4.14 -25.17
CA ARG D 45 11.80 -4.26 -26.50
C ARG D 45 12.52 -5.33 -27.33
N ASP D 46 13.86 -5.32 -27.29
CA ASP D 46 14.66 -6.31 -28.03
C ASP D 46 14.36 -7.74 -27.55
N LEU D 48 11.46 -8.83 -26.24
CA LEU D 48 10.13 -9.19 -26.78
C LEU D 48 10.16 -9.47 -28.30
N VAL D 49 10.90 -8.65 -29.05
CA VAL D 49 11.08 -8.84 -30.49
C VAL D 49 11.69 -10.22 -30.77
N LYS D 50 12.65 -10.61 -29.95
CA LYS D 50 13.33 -11.91 -30.05
C LYS D 50 12.40 -13.09 -29.72
N ASP D 51 11.63 -12.94 -28.66
CA ASP D 51 10.62 -13.94 -28.27
C ASP D 51 9.67 -14.23 -29.44
N PHE D 52 9.21 -13.19 -30.12
CA PHE D 52 8.29 -13.39 -31.23
C PHE D 52 9.02 -13.98 -32.46
N ALA D 53 10.31 -13.66 -32.64
CA ALA D 53 11.07 -14.25 -33.74
C ALA D 53 11.20 -15.76 -33.48
N ASP D 54 11.51 -16.10 -32.26
CA ASP D 54 11.66 -17.51 -31.85
C ASP D 54 10.35 -18.29 -31.74
N ILE D 55 9.23 -17.60 -31.44
CA ILE D 55 7.93 -18.25 -31.25
C ILE D 55 6.86 -17.39 -31.94
N PRO D 56 6.76 -17.49 -33.28
CA PRO D 56 5.84 -16.66 -34.08
C PRO D 56 4.38 -16.67 -33.60
N ASP D 57 3.90 -17.80 -33.09
CA ASP D 57 2.52 -17.90 -32.62
C ASP D 57 2.34 -17.57 -31.14
N LEU D 58 3.36 -16.93 -30.54
CA LEU D 58 3.32 -16.55 -29.12
C LEU D 58 2.10 -15.71 -28.86
N ARG D 59 1.46 -15.96 -27.72
CA ARG D 59 0.32 -15.20 -27.28
C ARG D 59 0.26 -15.22 -25.74
N PHE D 60 -0.03 -14.05 -25.17
CA PHE D 60 0.02 -13.78 -23.75
C PHE D 60 -1.37 -13.80 -23.16
N GLU D 61 -1.56 -14.63 -22.15
CA GLU D 61 -2.82 -14.79 -21.46
C GLU D 61 -2.56 -15.16 -20.01
N ALA D 62 -3.05 -14.34 -19.08
CA ALA D 62 -2.90 -14.56 -17.65
C ALA D 62 -3.98 -15.47 -17.17
N GLU D 63 -3.55 -16.53 -16.52
CA GLU D 63 -4.46 -17.45 -15.89
C GLU D 63 -4.78 -17.00 -14.45
N ILE D 64 -3.81 -16.43 -13.73
CA ILE D 64 -3.99 -15.87 -12.38
C ILE D 64 -3.29 -14.54 -12.33
N LEU D 65 -3.97 -13.54 -11.77
CA LEU D 65 -3.36 -12.24 -11.47
C LEU D 65 -3.56 -11.94 -9.98
N VAL D 66 -2.49 -11.62 -9.26
CA VAL D 66 -2.59 -11.11 -7.88
C VAL D 66 -1.85 -9.76 -7.84
N SER D 67 -2.50 -8.72 -7.29
CA SER D 67 -1.85 -7.41 -7.22
C SER D 67 -2.32 -6.54 -6.07
N ASP D 68 -1.44 -5.60 -5.71
CA ASP D 68 -1.71 -4.62 -4.67
C ASP D 68 -1.39 -3.23 -5.25
N ALA D 69 -1.02 -2.24 -4.43
CA ALA D 69 -0.78 -0.88 -4.90
C ALA D 69 0.48 -0.75 -5.77
N THR D 70 1.50 -1.57 -5.50
CA THR D 70 2.80 -1.42 -6.14
C THR D 70 3.29 -2.67 -6.93
N ARG D 71 2.70 -3.84 -6.67
CA ARG D 71 3.16 -5.07 -7.29
C ARG D 71 2.07 -5.92 -7.92
N LEU D 72 2.48 -6.68 -8.94
CA LEU D 72 1.58 -7.63 -9.59
C LEU D 72 2.33 -8.93 -9.87
N ALA D 73 1.67 -10.06 -9.56
CA ALA D 73 2.16 -11.40 -9.88
C ALA D 73 1.24 -12.01 -10.91
N ALA D 74 1.80 -12.59 -11.96
CA ALA D 74 0.98 -13.27 -13.00
C ALA D 74 1.43 -14.72 -13.20
N ARG D 75 0.45 -15.62 -13.29
CA ARG D 75 0.67 -16.91 -13.90
C ARG D 75 0.18 -16.82 -15.35
N LEU D 76 1.12 -16.88 -16.29
CA LEU D 76 0.82 -16.84 -17.70
C LEU D 76 0.91 -18.24 -18.28
N PHE D 77 -0.08 -18.62 -19.09
CA PHE D 77 -0.08 -19.92 -19.76
C PHE D 77 0.15 -19.73 -21.25
N PHE D 78 1.14 -20.47 -21.77
CA PHE D 78 1.52 -20.42 -23.17
C PHE D 78 1.28 -21.78 -23.83
N ASP D 79 0.73 -21.72 -25.03
CA ASP D 79 0.50 -22.88 -25.85
C ASP D 79 0.94 -22.42 -27.27
N CYS D 80 2.16 -22.79 -27.65
CA CYS D 80 2.84 -22.16 -28.76
C CYS D 80 3.86 -23.11 -29.44
N THR D 81 4.56 -22.62 -30.47
CA THR D 81 5.39 -23.45 -31.35
C THR D 81 6.72 -22.76 -31.63
N PRO D 82 7.67 -22.91 -30.69
CA PRO D 82 9.05 -22.45 -30.90
C PRO D 82 9.66 -23.05 -32.18
N LYS D 83 10.23 -22.22 -33.04
CA LYS D 83 10.77 -22.64 -34.32
C LYS D 83 11.89 -23.64 -34.15
N SER D 84 12.69 -23.41 -33.13
CA SER D 84 14.00 -24.01 -33.06
C SER D 84 14.37 -24.36 -31.59
N ILE D 85 15.50 -23.83 -31.12
CA ILE D 85 15.97 -24.00 -29.75
C ILE D 85 15.22 -23.03 -28.84
N PHE D 86 14.77 -23.50 -27.69
CA PHE D 86 14.06 -22.65 -26.74
C PHE D 86 14.39 -23.16 -25.34
N ASP D 88 17.33 -23.72 -24.38
CA ASP D 88 18.33 -24.73 -24.72
C ASP D 88 17.78 -26.14 -24.99
N LEU D 89 16.50 -26.21 -25.35
CA LEU D 89 15.85 -27.45 -25.69
C LEU D 89 15.59 -27.47 -27.23
N PRO D 90 15.87 -28.59 -27.91
CA PRO D 90 15.56 -28.61 -29.35
C PRO D 90 14.06 -28.81 -29.68
N VAL D 91 13.22 -27.82 -29.35
CA VAL D 91 11.76 -27.92 -29.55
C VAL D 91 11.44 -28.12 -31.02
N ASN D 92 12.07 -27.33 -31.89
CA ASN D 92 12.10 -27.60 -33.32
C ASN D 92 10.72 -27.69 -33.96
N GLY D 93 9.87 -26.72 -33.69
CA GLY D 93 8.57 -26.62 -34.37
C GLY D 93 7.48 -27.49 -33.81
N ARG D 94 7.72 -28.13 -32.68
CA ARG D 94 6.65 -28.83 -31.98
C ARG D 94 5.91 -27.85 -31.05
N ARG D 95 4.60 -28.07 -30.94
CA ARG D 95 3.76 -27.30 -30.05
C ARG D 95 3.92 -27.75 -28.62
N VAL D 96 4.14 -26.81 -27.72
CA VAL D 96 4.37 -27.11 -26.32
C VAL D 96 3.51 -26.18 -25.48
N GLN D 97 3.16 -26.64 -24.29
CA GLN D 97 2.42 -25.82 -23.31
C GLN D 97 3.28 -25.63 -22.06
N PHE D 98 3.39 -24.40 -21.56
CA PHE D 98 4.19 -24.15 -20.35
C PHE D 98 3.72 -22.87 -19.70
N CYS D 99 4.01 -22.70 -18.42
CA CYS D 99 3.71 -21.45 -17.74
C CYS D 99 4.94 -20.65 -17.41
N GLU D 100 4.67 -19.38 -17.16
CA GLU D 100 5.63 -18.43 -16.62
C GLU D 100 5.01 -17.79 -15.41
N HIS D 101 5.77 -17.74 -14.31
CA HIS D 101 5.34 -17.07 -13.09
C HIS D 101 6.24 -15.87 -12.95
N VAL D 102 5.63 -14.69 -12.99
CA VAL D 102 6.38 -13.45 -13.05
C VAL D 102 5.82 -12.42 -12.06
N PHE D 103 6.76 -11.74 -11.40
CA PHE D 103 6.48 -10.62 -10.50
C PHE D 103 6.93 -9.30 -11.13
N TYR D 104 6.09 -8.27 -10.99
CA TYR D 104 6.37 -6.94 -11.47
C TYR D 104 6.30 -5.91 -10.35
N ASP D 105 7.34 -5.06 -10.28
CA ASP D 105 7.37 -3.89 -9.42
C ASP D 105 7.02 -2.70 -10.33
N PHE D 106 5.95 -1.99 -9.99
CA PHE D 106 5.50 -0.81 -10.74
C PHE D 106 5.99 0.47 -10.08
N GLU D 107 6.35 1.44 -10.91
CA GLU D 107 6.64 2.81 -10.47
C GLU D 107 5.95 3.77 -11.41
N GLN D 108 5.00 4.55 -10.86
CA GLN D 108 4.23 5.50 -11.64
C GLN D 108 3.53 4.86 -12.85
N ALA D 109 2.79 3.78 -12.59
CA ALA D 109 1.98 3.10 -13.61
C ALA D 109 2.77 2.35 -14.70
N LYS D 110 4.07 2.19 -14.50
CA LYS D 110 4.90 1.46 -15.47
C LYS D 110 5.75 0.36 -14.80
N ILE D 111 5.98 -0.73 -15.53
CA ILE D 111 6.83 -1.80 -15.06
C ILE D 111 8.28 -1.31 -14.90
N ARG D 112 8.81 -1.49 -13.71
CA ARG D 112 10.14 -1.01 -13.36
C ARG D 112 11.12 -2.16 -13.07
N ARG D 113 10.64 -3.22 -12.44
CA ARG D 113 11.45 -4.44 -12.24
C ARG D 113 10.61 -5.67 -12.48
N VAL D 114 11.24 -6.69 -13.05
CA VAL D 114 10.56 -7.94 -13.36
C VAL D 114 11.41 -9.08 -12.86
N TRP D 115 10.75 -10.06 -12.26
CA TRP D 115 11.37 -11.33 -11.89
C TRP D 115 10.52 -12.43 -12.47
N SER D 116 11.09 -13.17 -13.43
CA SER D 116 10.37 -14.21 -14.18
C SER D 116 11.02 -15.59 -14.05
N VAL D 117 10.18 -16.61 -13.88
CA VAL D 117 10.61 -18.00 -13.96
C VAL D 117 9.68 -18.72 -14.95
N LEU D 118 10.26 -19.39 -15.94
CA LEU D 118 9.54 -20.25 -16.88
C LEU D 118 9.64 -21.69 -16.46
N ASP D 119 8.62 -22.49 -16.78
CA ASP D 119 8.58 -23.90 -16.43
C ASP D 119 9.29 -24.74 -17.50
N LYS D 120 10.61 -24.78 -17.39
CA LYS D 120 11.44 -25.59 -18.28
C LYS D 120 11.14 -27.07 -18.18
N VAL D 121 10.81 -27.53 -16.97
CA VAL D 121 10.49 -28.95 -16.69
C VAL D 121 9.29 -29.45 -17.48
N ALA D 122 8.25 -28.61 -17.61
CA ALA D 122 7.07 -28.91 -18.45
C ALA D 122 7.49 -29.19 -19.90
N ILE D 123 8.40 -28.36 -20.44
CA ILE D 123 8.85 -28.52 -21.84
C ILE D 123 9.67 -29.80 -22.00
N GLU D 124 10.59 -30.05 -21.08
CA GLU D 124 11.39 -31.30 -21.05
C GLU D 124 10.54 -32.55 -21.02
N ARG D 125 9.54 -32.55 -20.16
N ARG D 125 9.55 -32.55 -20.14
CA ARG D 125 8.61 -33.67 -20.12
CA ARG D 125 8.54 -33.61 -20.06
C ARG D 125 7.94 -33.93 -21.46
C ARG D 125 7.95 -33.92 -21.44
N GLN D 126 7.49 -32.87 -22.15
CA GLN D 126 6.79 -33.01 -23.44
C GLN D 126 7.67 -33.46 -24.60
N LEU D 127 8.97 -33.17 -24.53
CA LEU D 127 9.96 -33.60 -25.52
C LEU D 127 10.55 -34.98 -25.16
N GLY D 128 10.37 -35.37 -23.91
CA GLY D 128 10.99 -36.57 -23.36
C GLY D 128 9.99 -37.68 -23.62
#